data_5SLL
#
_entry.id   5SLL
#
_cell.length_a   67.747
_cell.length_b   68.349
_cell.length_c   138.411
_cell.angle_alpha   90.000
_cell.angle_beta   90.000
_cell.angle_gamma   90.000
#
_symmetry.space_group_name_H-M   'P 21 21 21'
#
loop_
_entity.id
_entity.type
_entity.pdbx_description
1 polymer 'Proofreading exoribonuclease nsp14'
2 non-polymer 'ZINC ION'
3 non-polymer 'PHOSPHATE ION'
4 non-polymer N-[(3R)-3-methyl-1,1-dioxo-1lambda~6~-thiolan-3-yl]cyclopropanecarboxamide
5 water water
#
_entity_poly.entity_id   1
_entity_poly.type   'polypeptide(L)'
_entity_poly.pdbx_seq_one_letter_code
;SMLFKDCSKVITGLHPTQAPTHLSVDTKFKTEGLCVDIPGIPKDMTYRRLISMMGFKMNYQVNGYPNMFITREEAIRHVR
AWIGFDVEGCHATREAVGTNLPLQLGFSTGVNLVAVPTGYVDTPNNTDFSRVSAKPPPGDQFKHLIPLMYKGLPWNVVRI
KIVQMLSDTLKNLSDRVVFVLWAHGFELTSMKYFVKIGPERTCCLCDRRATCFSTASDTYACWHHSIGFDYVYNPFMIDV
QQWGFTGNLQSNHDLYCQVHGNAHVASCDAIMTRCLAVHECFVKRVDWTIEYPIIGDELKINAACRKVQHMVVKAALLAD
KFPVLHDIGNPKAIKCVPQADVEWKFYDAQPCSDKAYKIEELFYSYATHSDKFTDGVCLFWNCNVDRYPANSIVCRFDTR
VLSNLNLPGCDGGSLYVNKHAFHTPAFDKSAFVNLKQLPFFYYSDSPCESHGKQVVSDIDYVPLKSATCITRCNLGGAVC
RHHANEYRLYLDAYNMMISAGFSLWVYKQFDTYNLWNTFTRLQ
;
_entity_poly.pdbx_strand_id   D
#
loop_
_chem_comp.id
_chem_comp.type
_chem_comp.name
_chem_comp.formula
LK6 non-polymer N-[(3R)-3-methyl-1,1-dioxo-1lambda~6~-thiolan-3-yl]cyclopropanecarboxamide 'C9 H15 N O3 S'
PO4 non-polymer 'PHOSPHATE ION' 'O4 P -3'
ZN non-polymer 'ZINC ION' 'Zn 2'
#
# COMPACT_ATOMS: atom_id res chain seq x y z
N PRO A 20 23.41 -11.50 -11.33
CA PRO A 20 22.34 -10.68 -11.91
C PRO A 20 21.47 -10.03 -10.84
N THR A 21 21.81 -8.79 -10.46
CA THR A 21 21.06 -8.03 -9.47
C THR A 21 20.46 -6.79 -10.13
N HIS A 22 21.24 -6.11 -11.01
CA HIS A 22 20.75 -4.92 -11.71
C HIS A 22 20.45 -5.23 -13.20
N LEU A 23 19.81 -4.28 -13.90
CA LEU A 23 19.49 -4.45 -15.31
C LEU A 23 20.73 -4.05 -16.13
N SER A 24 21.28 -4.98 -16.96
CA SER A 24 22.44 -4.65 -17.77
C SER A 24 22.13 -3.51 -18.75
N VAL A 25 23.01 -2.51 -18.84
CA VAL A 25 22.84 -1.46 -19.85
C VAL A 25 22.91 -2.04 -21.28
N ASP A 26 23.49 -3.25 -21.44
CA ASP A 26 23.58 -3.87 -22.76
C ASP A 26 22.30 -4.65 -23.16
N THR A 27 21.29 -4.70 -22.26
CA THR A 27 19.99 -5.32 -22.55
C THR A 27 19.31 -4.51 -23.66
N LYS A 28 18.62 -5.20 -24.55
CA LYS A 28 17.91 -4.56 -25.64
C LYS A 28 16.64 -3.88 -25.14
N PHE A 29 16.34 -2.74 -25.73
CA PHE A 29 15.17 -1.96 -25.40
C PHE A 29 14.35 -1.86 -26.68
N LYS A 30 13.07 -2.29 -26.64
CA LYS A 30 12.19 -2.26 -27.81
C LYS A 30 11.72 -0.81 -28.03
N THR A 31 11.95 -0.27 -29.22
CA THR A 31 11.69 1.12 -29.53
C THR A 31 10.44 1.44 -30.32
N GLU A 32 9.62 0.44 -30.67
CA GLU A 32 8.39 0.67 -31.45
C GLU A 32 7.47 1.74 -30.83
N GLY A 33 7.31 1.73 -29.51
CA GLY A 33 6.50 2.71 -28.79
C GLY A 33 7.01 4.15 -28.83
N LEU A 34 8.29 4.33 -29.14
CA LEU A 34 8.95 5.64 -29.19
C LEU A 34 8.94 6.27 -30.58
N CYS A 35 8.68 5.51 -31.64
CA CYS A 35 8.83 5.99 -33.02
C CYS A 35 7.80 7.05 -33.50
N VAL A 36 6.74 7.35 -32.75
CA VAL A 36 5.80 8.43 -33.19
C VAL A 36 6.37 9.78 -32.72
N ASP A 37 6.89 9.84 -31.49
CA ASP A 37 7.55 11.06 -30.99
C ASP A 37 8.96 11.19 -31.57
N ILE A 38 9.65 10.04 -31.76
CA ILE A 38 11.00 9.98 -32.29
C ILE A 38 11.05 9.17 -33.62
N PRO A 39 10.57 9.75 -34.73
CA PRO A 39 10.63 9.02 -36.01
C PRO A 39 12.06 8.73 -36.47
N GLY A 40 12.28 7.54 -37.02
CA GLY A 40 13.57 7.11 -37.50
C GLY A 40 14.39 6.39 -36.42
N ILE A 41 13.85 6.30 -35.19
CA ILE A 41 14.58 5.64 -34.10
C ILE A 41 15.00 4.20 -34.46
N PRO A 42 16.28 3.83 -34.23
CA PRO A 42 16.73 2.48 -34.59
C PRO A 42 15.94 1.42 -33.84
N LYS A 43 15.65 0.32 -34.55
CA LYS A 43 14.96 -0.83 -33.95
C LYS A 43 15.91 -1.53 -32.96
N ASP A 44 17.19 -1.61 -33.32
CA ASP A 44 18.23 -2.21 -32.49
C ASP A 44 18.68 -1.14 -31.51
N MET A 45 18.37 -1.33 -30.24
CA MET A 45 18.68 -0.33 -29.23
C MET A 45 19.02 -0.98 -27.89
N THR A 46 20.03 -0.48 -27.18
CA THR A 46 20.34 -0.94 -25.83
C THR A 46 19.98 0.20 -24.85
N TYR A 47 19.94 -0.11 -23.55
CA TYR A 47 19.74 0.91 -22.54
C TYR A 47 20.95 1.89 -22.56
N ARG A 48 22.16 1.40 -22.83
CA ARG A 48 23.38 2.20 -22.95
C ARG A 48 23.19 3.30 -24.01
N ARG A 49 22.67 2.94 -25.18
CA ARG A 49 22.45 3.91 -26.24
C ARG A 49 21.26 4.84 -25.97
N LEU A 50 20.19 4.30 -25.35
CA LEU A 50 18.99 5.09 -24.98
C LEU A 50 19.35 6.16 -23.95
N ILE A 51 20.12 5.81 -22.91
CA ILE A 51 20.53 6.77 -21.87
C ILE A 51 21.37 7.92 -22.48
N SER A 52 22.26 7.57 -23.42
CA SER A 52 23.09 8.53 -24.13
C SER A 52 22.22 9.45 -24.99
N MET A 53 21.23 8.89 -25.67
CA MET A 53 20.28 9.64 -26.50
C MET A 53 19.41 10.57 -25.62
N MET A 54 19.18 10.16 -24.36
CA MET A 54 18.44 11.00 -23.41
C MET A 54 19.29 12.19 -22.90
N GLY A 55 20.57 12.28 -23.30
CA GLY A 55 21.47 13.35 -22.87
C GLY A 55 22.23 13.08 -21.59
N PHE A 56 22.31 11.82 -21.13
CA PHE A 56 23.03 11.49 -19.91
C PHE A 56 24.34 10.78 -20.21
N LYS A 57 25.38 11.08 -19.43
CA LYS A 57 26.69 10.45 -19.63
C LYS A 57 26.99 9.58 -18.41
N MET A 58 27.13 8.26 -18.60
CA MET A 58 27.39 7.35 -17.47
C MET A 58 28.90 7.20 -17.11
N ASN A 59 29.81 7.63 -18.00
CA ASN A 59 31.28 7.65 -17.79
C ASN A 59 32.00 6.36 -17.25
N TYR A 60 31.48 5.13 -17.53
CA TYR A 60 32.06 3.86 -17.02
C TYR A 60 32.23 3.92 -15.50
N GLN A 61 31.15 4.28 -14.80
CA GLN A 61 31.20 4.49 -13.37
C GLN A 61 30.68 3.29 -12.54
N VAL A 62 31.55 2.74 -11.67
CA VAL A 62 31.18 1.66 -10.75
C VAL A 62 30.91 2.25 -9.37
N ASN A 63 29.95 3.19 -9.31
CA ASN A 63 29.65 3.86 -8.06
C ASN A 63 28.17 3.77 -7.67
N GLY A 64 27.63 2.56 -7.65
CA GLY A 64 26.27 2.27 -7.20
C GLY A 64 25.09 2.58 -8.12
N TYR A 65 25.34 3.22 -9.25
CA TYR A 65 24.24 3.57 -10.18
C TYR A 65 24.55 2.98 -11.57
N PRO A 66 24.39 1.67 -11.77
CA PRO A 66 24.78 1.08 -13.07
C PRO A 66 23.88 1.39 -14.25
N ASN A 67 22.61 1.73 -13.99
CA ASN A 67 21.62 1.99 -15.03
C ASN A 67 20.48 2.85 -14.45
N MET A 68 19.93 3.79 -15.23
CA MET A 68 18.78 4.57 -14.81
C MET A 68 17.50 3.66 -14.75
N PHE A 69 17.45 2.66 -15.63
CA PHE A 69 16.37 1.70 -15.73
C PHE A 69 16.66 0.51 -14.84
N ILE A 70 15.58 -0.08 -14.29
CA ILE A 70 15.69 -1.22 -13.39
C ILE A 70 14.81 -2.40 -13.84
N THR A 71 15.08 -3.60 -13.30
CA THR A 71 14.29 -4.77 -13.62
C THR A 71 12.91 -4.71 -12.93
N ARG A 72 11.97 -5.53 -13.39
CA ARG A 72 10.63 -5.70 -12.82
C ARG A 72 10.77 -6.17 -11.37
N GLU A 73 11.72 -7.08 -11.09
CA GLU A 73 11.97 -7.58 -9.74
C GLU A 73 12.49 -6.45 -8.81
N GLU A 74 13.42 -5.61 -9.30
CA GLU A 74 13.91 -4.48 -8.53
C GLU A 74 12.77 -3.48 -8.30
N ALA A 75 11.94 -3.24 -9.33
CA ALA A 75 10.78 -2.34 -9.21
C ALA A 75 9.79 -2.84 -8.15
N ILE A 76 9.51 -4.16 -8.11
CA ILE A 76 8.58 -4.74 -7.13
C ILE A 76 9.11 -4.52 -5.71
N ARG A 77 10.42 -4.70 -5.52
CA ARG A 77 11.03 -4.45 -4.21
C ARG A 77 10.92 -2.98 -3.78
N HIS A 78 10.76 -2.06 -4.72
CA HIS A 78 10.69 -0.63 -4.43
C HIS A 78 9.37 -0.04 -4.86
N VAL A 79 8.26 -0.80 -4.72
CA VAL A 79 6.91 -0.35 -5.07
C VAL A 79 6.52 0.95 -4.35
N ARG A 80 7.00 1.18 -3.11
CA ARG A 80 6.70 2.42 -2.39
C ARG A 80 7.25 3.67 -3.10
N ALA A 81 8.31 3.50 -3.94
CA ALA A 81 8.92 4.59 -4.70
C ALA A 81 8.21 4.89 -6.04
N TRP A 82 7.21 4.07 -6.44
CA TRP A 82 6.60 4.22 -7.76
C TRP A 82 5.81 5.50 -7.94
N ILE A 83 6.17 6.22 -8.99
CA ILE A 83 5.48 7.44 -9.39
C ILE A 83 5.26 7.33 -10.89
N GLY A 84 4.02 7.19 -11.31
CA GLY A 84 3.68 7.16 -12.73
C GLY A 84 4.02 8.51 -13.34
N PHE A 85 4.59 8.51 -14.53
CA PHE A 85 5.02 9.74 -15.17
C PHE A 85 4.73 9.70 -16.66
N ASP A 86 4.07 10.74 -17.16
CA ASP A 86 3.75 10.82 -18.58
C ASP A 86 4.00 12.23 -19.06
N VAL A 87 4.39 12.40 -20.34
CA VAL A 87 4.56 13.71 -20.93
C VAL A 87 3.76 13.75 -22.21
N GLU A 88 2.94 14.78 -22.38
CA GLU A 88 2.14 14.93 -23.59
C GLU A 88 2.46 16.27 -24.22
N GLY A 89 2.71 16.26 -25.52
CA GLY A 89 2.95 17.51 -26.24
C GLY A 89 1.70 18.38 -26.24
N CYS A 90 1.80 19.56 -25.61
CA CYS A 90 0.68 20.50 -25.56
C CYS A 90 0.41 21.01 -26.97
N HIS A 91 1.48 21.34 -27.71
CA HIS A 91 1.34 21.80 -29.08
C HIS A 91 2.01 20.81 -30.04
N GLY A 98 9.67 18.58 -27.56
CA GLY A 98 9.98 18.96 -28.94
C GLY A 98 10.85 20.20 -29.10
N THR A 99 11.21 20.86 -27.95
CA THR A 99 12.04 22.08 -27.82
C THR A 99 11.37 23.34 -28.44
N ASN A 100 10.35 23.14 -29.28
CA ASN A 100 9.63 24.25 -29.89
C ASN A 100 8.24 24.44 -29.27
N LEU A 101 7.68 23.37 -28.68
CA LEU A 101 6.33 23.36 -28.12
C LEU A 101 6.28 23.13 -26.61
N PRO A 102 5.23 23.64 -25.95
CA PRO A 102 5.07 23.41 -24.51
C PRO A 102 4.70 21.96 -24.22
N LEU A 103 5.17 21.42 -23.09
CA LEU A 103 4.94 20.04 -22.71
C LEU A 103 4.12 19.97 -21.43
N GLN A 104 3.17 19.03 -21.37
CA GLN A 104 2.38 18.81 -20.18
C GLN A 104 2.95 17.58 -19.47
N LEU A 105 3.48 17.77 -18.26
CA LEU A 105 4.12 16.75 -17.44
C LEU A 105 3.07 16.26 -16.44
N GLY A 106 2.77 14.97 -16.45
CA GLY A 106 1.76 14.40 -15.57
C GLY A 106 2.34 13.36 -14.64
N PHE A 107 1.88 13.36 -13.39
CA PHE A 107 2.38 12.45 -12.37
C PHE A 107 1.22 11.70 -11.71
N SER A 108 1.48 10.47 -11.19
CA SER A 108 0.39 9.70 -10.58
C SER A 108 -0.13 10.34 -9.25
N THR A 109 0.49 11.42 -8.78
CA THR A 109 0.01 12.24 -7.66
C THR A 109 -1.20 13.13 -8.10
N GLY A 110 -1.55 13.12 -9.39
CA GLY A 110 -2.62 13.91 -9.98
C GLY A 110 -2.16 15.28 -10.48
N VAL A 111 -0.88 15.58 -10.36
CA VAL A 111 -0.34 16.88 -10.75
C VAL A 111 0.02 16.94 -12.25
N ASN A 112 -0.40 18.04 -12.92
CA ASN A 112 -0.03 18.35 -14.29
C ASN A 112 0.68 19.68 -14.26
N LEU A 113 1.91 19.73 -14.75
CA LEU A 113 2.69 20.96 -14.86
C LEU A 113 2.91 21.22 -16.35
N VAL A 114 2.87 22.47 -16.77
CA VAL A 114 3.17 22.80 -18.17
C VAL A 114 4.55 23.47 -18.21
N ALA A 115 5.48 22.88 -18.98
CA ALA A 115 6.82 23.42 -19.16
C ALA A 115 6.96 24.09 -20.53
N VAL A 116 7.26 25.38 -20.55
CA VAL A 116 7.50 26.10 -21.80
C VAL A 116 9.01 26.16 -22.08
N PRO A 117 9.41 25.99 -23.35
CA PRO A 117 10.85 26.02 -23.67
C PRO A 117 11.45 27.42 -23.75
N THR A 118 10.61 28.47 -23.71
CA THR A 118 10.93 29.91 -23.80
C THR A 118 12.36 30.30 -23.43
N PRO A 147 -5.78 15.81 -10.42
CA PRO A 147 -6.36 16.61 -11.51
C PRO A 147 -5.93 18.08 -11.49
N LEU A 148 -4.86 18.42 -10.74
CA LEU A 148 -4.39 19.81 -10.66
C LEU A 148 -3.68 20.24 -11.95
N MET A 149 -4.13 21.35 -12.56
CA MET A 149 -3.58 21.85 -13.82
C MET A 149 -2.87 23.18 -13.64
N TYR A 150 -1.53 23.22 -13.83
CA TYR A 150 -0.81 24.49 -13.68
C TYR A 150 -0.50 25.12 -15.04
N LYS A 151 -0.47 26.47 -15.11
CA LYS A 151 -0.17 27.18 -16.35
C LYS A 151 1.31 27.13 -16.70
N GLY A 152 1.62 27.22 -17.99
CA GLY A 152 2.96 27.15 -18.55
C GLY A 152 4.02 28.02 -17.91
N LEU A 153 5.13 27.39 -17.50
CA LEU A 153 6.26 28.06 -16.86
C LEU A 153 7.58 27.48 -17.36
N PRO A 154 8.67 28.28 -17.37
CA PRO A 154 9.96 27.74 -17.84
C PRO A 154 10.50 26.62 -16.94
N TRP A 155 11.35 25.77 -17.51
CA TRP A 155 11.96 24.62 -16.84
C TRP A 155 12.68 24.91 -15.53
N ASN A 156 13.31 26.10 -15.41
CA ASN A 156 14.02 26.46 -14.19
C ASN A 156 13.10 26.56 -12.97
N VAL A 157 11.81 26.84 -13.17
CA VAL A 157 10.87 26.88 -12.03
C VAL A 157 10.09 25.56 -11.94
N VAL A 158 9.79 24.91 -13.08
CA VAL A 158 9.11 23.61 -13.11
C VAL A 158 9.89 22.56 -12.29
N ARG A 159 11.21 22.51 -12.51
CA ARG A 159 12.08 21.56 -11.81
C ARG A 159 12.03 21.73 -10.27
N ILE A 160 11.88 22.98 -9.75
CA ILE A 160 11.76 23.22 -8.30
C ILE A 160 10.44 22.58 -7.77
N LYS A 161 9.34 22.71 -8.53
CA LYS A 161 8.06 22.13 -8.15
C LYS A 161 8.13 20.60 -8.13
N ILE A 162 8.82 20.00 -9.13
CA ILE A 162 8.98 18.55 -9.24
C ILE A 162 9.69 18.01 -8.00
N VAL A 163 10.78 18.67 -7.58
CA VAL A 163 11.54 18.26 -6.39
C VAL A 163 10.66 18.37 -5.14
N GLN A 164 9.94 19.49 -4.94
CA GLN A 164 9.01 19.65 -3.80
C GLN A 164 7.95 18.54 -3.79
N MET A 165 7.27 18.32 -4.94
CA MET A 165 6.21 17.32 -5.06
C MET A 165 6.69 15.91 -4.71
N LEU A 166 7.79 15.44 -5.35
CA LEU A 166 8.36 14.12 -5.08
C LEU A 166 8.82 13.98 -3.62
N SER A 167 9.46 15.02 -3.08
CA SER A 167 9.96 14.99 -1.70
C SER A 167 8.79 14.89 -0.70
N ASP A 168 7.69 15.63 -0.91
CA ASP A 168 6.54 15.54 0.00
C ASP A 168 5.82 14.21 -0.13
N THR A 169 5.74 13.67 -1.33
CA THR A 169 5.06 12.42 -1.57
C THR A 169 5.84 11.24 -1.03
N LEU A 170 7.18 11.22 -1.25
CA LEU A 170 8.02 10.06 -0.94
C LEU A 170 8.82 10.04 0.36
N LYS A 171 8.98 11.17 1.08
CA LYS A 171 9.86 11.17 2.25
C LYS A 171 9.54 10.11 3.32
N ASN A 172 8.26 9.80 3.52
CA ASN A 172 7.86 8.79 4.50
C ASN A 172 7.62 7.40 3.87
N LEU A 173 7.92 7.22 2.57
CA LEU A 173 7.67 5.97 1.87
C LEU A 173 8.94 5.22 1.46
N SER A 174 9.91 5.93 0.85
CA SER A 174 11.05 5.28 0.25
C SER A 174 12.31 6.13 0.24
N ASP A 175 13.47 5.48 0.05
CA ASP A 175 14.74 6.20 -0.08
C ASP A 175 15.00 6.62 -1.55
N ARG A 176 14.03 6.43 -2.46
CA ARG A 176 14.26 6.73 -3.88
C ARG A 176 12.94 7.06 -4.59
N VAL A 177 13.02 7.24 -5.92
CA VAL A 177 11.87 7.38 -6.80
C VAL A 177 12.08 6.41 -7.97
N VAL A 178 11.00 5.75 -8.42
CA VAL A 178 10.98 4.89 -9.61
C VAL A 178 9.89 5.48 -10.50
N PHE A 179 10.26 6.10 -11.63
CA PHE A 179 9.28 6.64 -12.55
C PHE A 179 8.72 5.47 -13.37
N VAL A 180 7.40 5.28 -13.29
CA VAL A 180 6.74 4.20 -13.98
C VAL A 180 6.20 4.79 -15.28
N LEU A 181 6.75 4.35 -16.42
CA LEU A 181 6.40 4.87 -17.73
C LEU A 181 5.66 3.89 -18.65
N TRP A 182 4.95 4.44 -19.65
CA TRP A 182 4.40 3.75 -20.82
C TRP A 182 5.08 4.64 -21.89
N ALA A 183 6.38 4.39 -22.08
CA ALA A 183 7.25 5.27 -22.85
C ALA A 183 6.90 5.45 -24.30
N HIS A 184 6.67 6.70 -24.70
CA HIS A 184 6.44 7.05 -26.10
C HIS A 184 7.48 8.06 -26.67
N GLY A 185 8.38 8.57 -25.83
CA GLY A 185 9.45 9.44 -26.31
C GLY A 185 9.64 10.76 -25.56
N PHE A 186 8.60 11.63 -25.54
CA PHE A 186 8.69 12.93 -24.88
C PHE A 186 9.03 12.85 -23.37
N GLU A 187 8.60 11.80 -22.66
CA GLU A 187 8.93 11.68 -21.24
C GLU A 187 10.41 11.42 -21.03
N LEU A 188 11.01 10.60 -21.90
CA LEU A 188 12.43 10.29 -21.80
C LEU A 188 13.30 11.49 -22.16
N THR A 189 12.95 12.21 -23.24
CA THR A 189 13.73 13.36 -23.66
C THR A 189 13.49 14.62 -22.78
N SER A 190 12.49 14.60 -21.89
CA SER A 190 12.28 15.74 -20.98
C SER A 190 13.11 15.57 -19.69
N MET A 191 13.61 14.36 -19.41
CA MET A 191 14.32 14.09 -18.18
C MET A 191 15.57 14.94 -17.96
N LYS A 192 16.32 15.25 -19.00
CA LYS A 192 17.52 16.08 -18.89
C LYS A 192 17.25 17.48 -18.31
N TYR A 193 16.00 17.94 -18.38
CA TYR A 193 15.63 19.26 -17.89
C TYR A 193 15.35 19.30 -16.38
N PHE A 194 15.29 18.14 -15.71
CA PHE A 194 15.03 18.13 -14.26
C PHE A 194 15.78 17.04 -13.50
N VAL A 195 16.54 16.20 -14.20
CA VAL A 195 17.28 15.09 -13.62
C VAL A 195 18.78 15.28 -13.81
N LYS A 196 19.53 14.90 -12.76
CA LYS A 196 20.98 14.89 -12.76
C LYS A 196 21.41 13.50 -12.25
N ILE A 197 22.43 12.93 -12.86
CA ILE A 197 22.94 11.62 -12.46
C ILE A 197 24.43 11.69 -12.09
N GLY A 198 24.89 10.67 -11.41
CA GLY A 198 26.29 10.57 -11.02
C GLY A 198 26.47 9.41 -10.07
N PRO A 199 27.53 9.45 -9.27
CA PRO A 199 27.73 8.37 -8.29
C PRO A 199 26.70 8.44 -7.18
N GLU A 200 26.47 7.31 -6.49
CA GLU A 200 25.57 7.29 -5.34
C GLU A 200 26.20 8.16 -4.25
N ARG A 201 25.38 9.01 -3.65
CA ARG A 201 25.83 9.96 -2.65
C ARG A 201 24.93 9.93 -1.43
N THR A 202 25.40 10.53 -0.32
CA THR A 202 24.57 10.63 0.87
C THR A 202 24.08 12.08 1.05
N CYS A 203 23.04 12.26 1.86
CA CYS A 203 22.48 13.57 2.14
C CYS A 203 23.50 14.46 2.87
N CYS A 204 23.45 15.77 2.64
CA CYS A 204 24.35 16.71 3.31
C CYS A 204 23.99 16.89 4.80
N LEU A 205 22.75 16.60 5.20
CA LEU A 205 22.25 16.77 6.57
C LEU A 205 21.99 15.44 7.32
N CYS A 206 22.03 14.29 6.64
CA CYS A 206 21.81 13.01 7.31
C CYS A 206 22.49 11.83 6.56
N ASP A 207 22.32 10.59 7.06
CA ASP A 207 22.94 9.40 6.48
C ASP A 207 22.17 8.77 5.32
N ARG A 208 20.96 9.23 5.04
CA ARG A 208 20.16 8.67 3.94
C ARG A 208 20.80 8.93 2.58
N ARG A 209 20.47 8.07 1.57
CA ARG A 209 21.00 8.29 0.24
C ARG A 209 20.39 9.57 -0.35
N ALA A 210 21.16 10.24 -1.20
CA ALA A 210 20.77 11.48 -1.86
C ALA A 210 19.79 11.20 -2.98
N THR A 211 18.73 11.99 -3.03
CA THR A 211 17.71 11.90 -4.07
C THR A 211 17.52 13.22 -4.83
N CYS A 212 18.12 14.31 -4.34
CA CYS A 212 18.00 15.65 -4.91
C CYS A 212 19.38 16.34 -4.97
N PHE A 213 19.49 17.33 -5.84
CA PHE A 213 20.70 18.10 -5.99
C PHE A 213 20.31 19.56 -6.13
N SER A 214 21.15 20.45 -5.59
CA SER A 214 20.90 21.87 -5.69
C SER A 214 22.00 22.56 -6.49
N THR A 215 21.62 23.30 -7.57
CA THR A 215 22.62 24.06 -8.33
C THR A 215 23.02 25.35 -7.61
N ALA A 216 22.19 25.84 -6.68
CA ALA A 216 22.49 27.06 -5.94
C ALA A 216 23.60 26.82 -4.92
N SER A 217 23.54 25.69 -4.19
CA SER A 217 24.54 25.39 -3.17
C SER A 217 25.56 24.32 -3.55
N ASP A 218 25.39 23.61 -4.69
CA ASP A 218 26.28 22.51 -5.10
C ASP A 218 26.24 21.33 -4.08
N THR A 219 25.11 21.16 -3.37
CA THR A 219 24.95 20.12 -2.36
C THR A 219 23.88 19.06 -2.77
N TYR A 220 23.84 17.94 -2.02
CA TYR A 220 22.94 16.82 -2.23
C TYR A 220 22.07 16.60 -1.00
N ALA A 221 20.82 16.18 -1.21
CA ALA A 221 19.91 15.95 -0.11
C ALA A 221 19.00 14.75 -0.35
N CYS A 222 18.44 14.18 0.73
CA CYS A 222 17.44 13.14 0.63
C CYS A 222 16.04 13.84 0.51
N TRP A 223 14.94 13.06 0.47
CA TRP A 223 13.60 13.64 0.37
C TRP A 223 13.24 14.50 1.61
N HIS A 224 13.85 14.22 2.78
CA HIS A 224 13.55 14.98 3.99
C HIS A 224 14.26 16.33 4.07
N HIS A 225 15.38 16.51 3.36
CA HIS A 225 16.19 17.73 3.51
C HIS A 225 16.39 18.52 2.23
N SER A 226 15.49 18.37 1.26
CA SER A 226 15.61 18.96 -0.06
C SER A 226 14.88 20.27 -0.30
N ILE A 227 14.38 20.98 0.74
CA ILE A 227 13.66 22.25 0.51
C ILE A 227 14.54 23.26 -0.25
N GLY A 228 14.05 23.76 -1.37
CA GLY A 228 14.83 24.68 -2.19
C GLY A 228 15.71 24.02 -3.23
N PHE A 229 15.72 22.68 -3.29
CA PHE A 229 16.53 21.96 -4.27
C PHE A 229 15.86 21.97 -5.65
N ASP A 230 16.65 21.93 -6.74
CA ASP A 230 16.07 22.07 -8.08
C ASP A 230 16.22 20.85 -9.00
N TYR A 231 17.08 19.87 -8.66
CA TYR A 231 17.23 18.69 -9.51
C TYR A 231 16.93 17.38 -8.80
N VAL A 232 16.30 16.44 -9.53
CA VAL A 232 16.06 15.09 -9.05
C VAL A 232 17.37 14.38 -9.34
N TYR A 233 17.95 13.72 -8.33
CA TYR A 233 19.25 13.09 -8.46
C TYR A 233 19.17 11.58 -8.39
N ASN A 234 19.80 10.91 -9.36
CA ASN A 234 19.79 9.44 -9.46
C ASN A 234 18.39 8.79 -9.29
N PRO A 235 17.39 9.24 -10.07
CA PRO A 235 16.10 8.55 -10.03
C PRO A 235 16.19 7.22 -10.77
N PHE A 236 15.23 6.35 -10.54
CA PHE A 236 15.13 5.08 -11.26
C PHE A 236 13.88 5.11 -12.14
N MET A 237 13.79 4.22 -13.11
CA MET A 237 12.66 4.20 -14.03
C MET A 237 12.48 2.83 -14.66
N ILE A 238 11.25 2.58 -15.10
CA ILE A 238 10.89 1.33 -15.75
C ILE A 238 9.84 1.64 -16.81
N ASP A 239 10.02 1.06 -18.00
CA ASP A 239 9.05 1.24 -19.07
C ASP A 239 8.18 -0.01 -19.16
N VAL A 240 6.90 0.10 -18.73
CA VAL A 240 5.89 -0.97 -18.75
C VAL A 240 5.70 -1.54 -20.17
N GLN A 241 5.92 -0.73 -21.20
CA GLN A 241 5.85 -1.22 -22.58
C GLN A 241 6.88 -2.30 -22.90
N GLN A 242 7.95 -2.45 -22.11
CA GLN A 242 8.93 -3.50 -22.38
C GLN A 242 8.46 -4.90 -21.96
N TRP A 243 7.37 -4.99 -21.19
CA TRP A 243 6.85 -6.22 -20.63
C TRP A 243 6.06 -7.10 -21.61
N GLY A 244 5.78 -6.61 -22.80
CA GLY A 244 5.07 -7.39 -23.81
C GLY A 244 3.56 -7.26 -23.74
N PHE A 245 3.05 -6.20 -24.34
CA PHE A 245 1.63 -5.91 -24.38
C PHE A 245 1.21 -5.66 -25.82
N THR A 246 -0.09 -5.83 -26.09
CA THR A 246 -0.69 -5.54 -27.38
C THR A 246 -1.65 -4.39 -27.15
N GLY A 247 -1.61 -3.39 -28.01
CA GLY A 247 -2.51 -2.25 -27.89
C GLY A 247 -1.98 -1.17 -26.98
N ASN A 248 -2.71 -0.06 -26.94
CA ASN A 248 -2.30 1.11 -26.21
C ASN A 248 -2.50 0.97 -24.68
N LEU A 249 -2.06 1.98 -23.94
CA LEU A 249 -2.17 2.01 -22.48
C LEU A 249 -3.62 1.87 -22.02
N GLN A 250 -4.53 2.70 -22.54
CA GLN A 250 -5.93 2.67 -22.10
C GLN A 250 -6.60 1.32 -22.28
N SER A 251 -6.40 0.67 -23.46
CA SER A 251 -7.03 -0.63 -23.69
C SER A 251 -6.51 -1.69 -22.72
N ASN A 252 -5.23 -1.65 -22.35
CA ASN A 252 -4.69 -2.63 -21.41
C ASN A 252 -5.13 -2.31 -19.97
N HIS A 253 -5.10 -1.03 -19.59
CA HIS A 253 -5.51 -0.61 -18.26
C HIS A 253 -6.98 -0.96 -18.00
N ASP A 254 -7.89 -0.61 -18.96
CA ASP A 254 -9.34 -0.79 -18.84
C ASP A 254 -9.81 -2.24 -18.77
N LEU A 255 -8.95 -3.19 -19.12
CA LEU A 255 -9.26 -4.61 -19.00
C LEU A 255 -9.45 -5.02 -17.52
N TYR A 256 -8.73 -4.34 -16.63
CA TYR A 256 -8.67 -4.67 -15.20
C TYR A 256 -9.19 -3.60 -14.26
N CYS A 257 -9.48 -2.39 -14.77
CA CYS A 257 -9.82 -1.29 -13.90
C CYS A 257 -10.82 -0.34 -14.51
N GLN A 258 -11.85 -0.03 -13.73
CA GLN A 258 -12.90 0.89 -14.14
C GLN A 258 -12.95 2.17 -13.29
N VAL A 259 -12.04 2.33 -12.33
CA VAL A 259 -12.03 3.45 -11.41
C VAL A 259 -11.20 4.64 -11.93
N HIS A 260 -10.23 4.39 -12.83
CA HIS A 260 -9.43 5.47 -13.40
C HIS A 260 -9.88 5.76 -14.82
N GLY A 261 -10.49 6.92 -15.03
CA GLY A 261 -10.93 7.31 -16.35
C GLY A 261 -9.83 7.95 -17.16
N ASN A 262 -10.14 8.33 -18.41
CA ASN A 262 -9.16 9.01 -19.25
C ASN A 262 -9.62 10.40 -19.57
N ALA A 263 -9.39 11.35 -18.64
CA ALA A 263 -9.78 12.75 -18.87
C ALA A 263 -8.90 13.46 -19.92
N HIS A 264 -8.08 12.69 -20.68
CA HIS A 264 -7.18 13.13 -21.75
C HIS A 264 -6.10 14.12 -21.29
N VAL A 265 -5.61 13.95 -20.06
CA VAL A 265 -4.50 14.74 -19.51
C VAL A 265 -3.36 13.79 -19.09
N ALA A 266 -2.15 14.31 -19.03
CA ALA A 266 -0.95 13.55 -18.71
C ALA A 266 -1.01 12.82 -17.35
N SER A 267 -1.58 13.44 -16.31
CA SER A 267 -1.69 12.78 -15.01
C SER A 267 -2.62 11.57 -15.09
N CYS A 268 -3.66 11.60 -15.96
CA CYS A 268 -4.54 10.43 -16.14
C CYS A 268 -3.76 9.24 -16.71
N ASP A 269 -2.91 9.50 -17.71
CA ASP A 269 -2.05 8.46 -18.28
C ASP A 269 -1.05 7.96 -17.21
N ALA A 270 -0.46 8.89 -16.44
CA ALA A 270 0.50 8.56 -15.36
C ALA A 270 -0.14 7.61 -14.33
N ILE A 271 -1.36 7.93 -13.88
CA ILE A 271 -2.16 7.12 -12.96
C ILE A 271 -2.47 5.73 -13.57
N MET A 272 -2.97 5.69 -14.80
CA MET A 272 -3.27 4.42 -15.49
C MET A 272 -2.03 3.54 -15.64
N THR A 273 -0.86 4.17 -15.91
CA THR A 273 0.40 3.43 -16.11
C THR A 273 0.79 2.74 -14.81
N ARG A 274 0.82 3.50 -13.71
CA ARG A 274 1.16 2.94 -12.41
C ARG A 274 0.12 1.87 -11.99
N CYS A 275 -1.18 2.10 -12.28
CA CYS A 275 -2.25 1.13 -11.95
C CYS A 275 -2.02 -0.18 -12.70
N LEU A 276 -1.70 -0.10 -14.00
CA LEU A 276 -1.43 -1.30 -14.81
C LEU A 276 -0.24 -2.06 -14.26
N ALA A 277 0.83 -1.34 -13.87
CA ALA A 277 2.04 -1.94 -13.30
C ALA A 277 1.72 -2.65 -11.97
N VAL A 278 0.88 -2.04 -11.12
CA VAL A 278 0.47 -2.67 -9.85
C VAL A 278 -0.35 -3.93 -10.15
N HIS A 279 -1.25 -3.88 -11.16
CA HIS A 279 -2.04 -5.05 -11.53
C HIS A 279 -1.14 -6.23 -11.95
N GLU A 280 -0.15 -5.96 -12.81
CA GLU A 280 0.76 -6.98 -13.32
C GLU A 280 1.66 -7.57 -12.25
N CYS A 281 2.03 -6.76 -11.27
CA CYS A 281 3.01 -7.16 -10.28
C CYS A 281 2.45 -7.63 -8.96
N PHE A 282 1.19 -7.25 -8.63
CA PHE A 282 0.60 -7.58 -7.33
C PHE A 282 -0.78 -8.20 -7.41
N VAL A 283 -1.41 -8.22 -8.59
CA VAL A 283 -2.72 -8.82 -8.73
C VAL A 283 -2.62 -10.13 -9.53
N LYS A 284 -2.24 -10.09 -10.82
CA LYS A 284 -2.08 -11.30 -11.62
C LYS A 284 -0.90 -12.16 -11.18
N ARG A 285 0.12 -11.54 -10.59
CA ARG A 285 1.31 -12.21 -10.06
C ARG A 285 1.39 -11.81 -8.58
N VAL A 286 1.64 -12.78 -7.69
CA VAL A 286 1.73 -12.48 -6.25
C VAL A 286 3.02 -13.08 -5.69
N ASP A 287 3.74 -12.32 -4.85
CA ASP A 287 4.94 -12.84 -4.22
C ASP A 287 4.99 -12.41 -2.76
N TRP A 288 4.63 -13.32 -1.84
CA TRP A 288 4.68 -13.02 -0.41
C TRP A 288 6.06 -13.33 0.23
N THR A 289 7.08 -13.65 -0.56
CA THR A 289 8.42 -13.90 -0.04
C THR A 289 9.31 -12.63 -0.04
N ILE A 290 8.78 -11.52 -0.58
CA ILE A 290 9.50 -10.26 -0.63
C ILE A 290 9.19 -9.47 0.61
N GLU A 291 10.23 -9.09 1.32
CA GLU A 291 10.17 -8.32 2.54
C GLU A 291 10.31 -6.83 2.19
N TYR A 292 9.68 -5.98 2.96
CA TYR A 292 9.73 -4.54 2.77
C TYR A 292 10.15 -3.92 4.10
N PRO A 293 11.02 -2.89 4.05
CA PRO A 293 11.50 -2.28 5.29
C PRO A 293 10.40 -1.66 6.17
N ILE A 294 10.72 -1.47 7.46
CA ILE A 294 9.83 -0.84 8.41
C ILE A 294 9.89 0.66 8.23
N ILE A 295 8.76 1.29 7.90
CA ILE A 295 8.73 2.73 7.70
C ILE A 295 7.80 3.48 8.68
N GLY A 296 7.03 2.75 9.47
CA GLY A 296 6.09 3.33 10.40
C GLY A 296 5.75 2.42 11.57
N ASP A 297 4.44 2.32 11.86
CA ASP A 297 3.92 1.57 13.00
C ASP A 297 3.65 0.11 12.75
N GLU A 298 4.30 -0.51 11.74
CA GLU A 298 4.10 -1.94 11.40
C GLU A 298 4.01 -2.87 12.60
N LEU A 299 5.04 -2.90 13.45
CA LEU A 299 5.10 -3.83 14.56
C LEU A 299 3.98 -3.62 15.59
N LYS A 300 3.63 -2.36 15.90
CA LYS A 300 2.57 -2.03 16.85
C LYS A 300 1.22 -2.44 16.29
N ILE A 301 0.99 -2.20 14.98
CA ILE A 301 -0.24 -2.57 14.30
C ILE A 301 -0.41 -4.08 14.30
N ASN A 302 0.65 -4.83 13.98
CA ASN A 302 0.56 -6.28 13.90
C ASN A 302 0.31 -6.88 15.30
N ALA A 303 0.97 -6.32 16.33
CA ALA A 303 0.76 -6.79 17.70
C ALA A 303 -0.67 -6.46 18.18
N ALA A 304 -1.18 -5.29 17.78
CA ALA A 304 -2.52 -4.86 18.14
C ALA A 304 -3.56 -5.78 17.49
N CYS A 305 -3.32 -6.17 16.22
CA CYS A 305 -4.20 -7.08 15.48
C CYS A 305 -4.33 -8.43 16.22
N ARG A 306 -3.20 -8.94 16.76
CA ARG A 306 -3.20 -10.21 17.48
C ARG A 306 -3.97 -10.07 18.80
N LYS A 307 -3.80 -8.93 19.50
CA LYS A 307 -4.46 -8.69 20.78
C LYS A 307 -5.98 -8.57 20.62
N VAL A 308 -6.41 -7.79 19.62
CA VAL A 308 -7.81 -7.54 19.35
C VAL A 308 -8.51 -8.83 18.87
N GLN A 309 -7.85 -9.63 18.03
CA GLN A 309 -8.43 -10.88 17.55
C GLN A 309 -8.67 -11.84 18.71
N HIS A 310 -7.69 -11.98 19.60
CA HIS A 310 -7.85 -12.82 20.79
C HIS A 310 -9.01 -12.30 21.68
N MET A 311 -9.06 -10.98 21.91
CA MET A 311 -10.10 -10.39 22.77
C MET A 311 -11.50 -10.64 22.21
N VAL A 312 -11.70 -10.34 20.93
CA VAL A 312 -13.01 -10.43 20.31
C VAL A 312 -13.51 -11.85 20.20
N VAL A 313 -12.63 -12.77 19.78
CA VAL A 313 -13.04 -14.14 19.62
C VAL A 313 -13.32 -14.78 20.98
N LYS A 314 -12.44 -14.52 21.97
CA LYS A 314 -12.66 -15.04 23.32
C LYS A 314 -14.01 -14.57 23.90
N ALA A 315 -14.34 -13.27 23.73
CA ALA A 315 -15.60 -12.75 24.25
C ALA A 315 -16.80 -13.27 23.50
N ALA A 316 -16.72 -13.43 22.16
CA ALA A 316 -17.83 -14.01 21.39
C ALA A 316 -18.11 -15.46 21.86
N LEU A 317 -17.05 -16.24 22.10
CA LEU A 317 -17.23 -17.60 22.58
C LEU A 317 -17.82 -17.63 23.99
N LEU A 318 -17.38 -16.75 24.89
CA LEU A 318 -17.92 -16.69 26.25
C LEU A 318 -19.37 -16.20 26.26
N ALA A 319 -19.69 -15.19 25.46
CA ALA A 319 -21.03 -14.60 25.41
C ALA A 319 -22.11 -15.47 24.76
N ASP A 320 -21.77 -16.20 23.68
CA ASP A 320 -22.78 -17.00 22.98
C ASP A 320 -22.54 -18.51 23.01
N LYS A 321 -21.40 -18.95 23.56
CA LYS A 321 -21.07 -20.38 23.72
C LYS A 321 -21.26 -21.24 22.46
N PHE A 322 -20.75 -20.79 21.30
CA PHE A 322 -20.84 -21.57 20.06
C PHE A 322 -20.12 -22.90 20.24
N PRO A 323 -20.78 -24.02 19.87
CA PRO A 323 -20.10 -25.33 20.01
C PRO A 323 -18.99 -25.54 18.97
N VAL A 324 -19.04 -24.81 17.84
CA VAL A 324 -18.04 -24.96 16.77
C VAL A 324 -17.70 -23.57 16.18
N LEU A 325 -16.44 -23.38 15.79
CA LEU A 325 -15.94 -22.16 15.16
C LEU A 325 -15.28 -22.59 13.84
N HIS A 326 -15.67 -21.95 12.73
CA HIS A 326 -15.11 -22.21 11.40
C HIS A 326 -14.16 -21.05 11.09
N ASP A 327 -12.85 -21.31 11.14
CA ASP A 327 -11.80 -20.30 10.95
C ASP A 327 -11.37 -20.30 9.48
N ILE A 328 -11.89 -19.34 8.71
CA ILE A 328 -11.65 -19.27 7.26
C ILE A 328 -10.61 -18.23 6.89
N GLY A 329 -9.55 -18.67 6.23
CA GLY A 329 -8.52 -17.74 5.79
C GLY A 329 -7.15 -18.35 5.75
N ASN A 330 -6.13 -17.56 6.11
CA ASN A 330 -4.73 -17.94 6.06
C ASN A 330 -4.43 -19.40 6.41
N PRO A 331 -3.94 -20.20 5.44
CA PRO A 331 -3.65 -21.60 5.75
C PRO A 331 -2.62 -21.81 6.87
N LYS A 332 -1.88 -20.76 7.25
CA LYS A 332 -0.94 -20.87 8.37
C LYS A 332 -1.51 -20.33 9.68
N ALA A 333 -2.86 -20.18 9.78
CA ALA A 333 -3.46 -19.66 11.01
C ALA A 333 -3.32 -20.60 12.18
N ILE A 334 -3.21 -20.00 13.36
CA ILE A 334 -3.07 -20.65 14.66
C ILE A 334 -4.35 -20.32 15.45
N LYS A 335 -4.80 -21.19 16.39
CA LYS A 335 -5.99 -20.88 17.20
C LYS A 335 -5.74 -19.58 17.99
N CYS A 336 -6.55 -18.52 17.79
CA CYS A 336 -6.34 -17.26 18.52
C CYS A 336 -6.77 -17.34 19.98
N VAL A 337 -7.61 -18.33 20.35
CA VAL A 337 -8.03 -18.54 21.74
C VAL A 337 -7.72 -20.02 22.08
N PRO A 338 -6.43 -20.34 22.33
CA PRO A 338 -6.08 -21.75 22.59
C PRO A 338 -6.79 -22.44 23.75
N GLN A 339 -7.21 -21.68 24.77
CA GLN A 339 -7.88 -22.30 25.91
C GLN A 339 -9.38 -22.51 25.72
N ALA A 340 -10.00 -21.91 24.68
CA ALA A 340 -11.44 -22.05 24.46
C ALA A 340 -11.87 -23.51 24.30
N ASP A 341 -13.05 -23.83 24.83
CA ASP A 341 -13.57 -25.19 24.80
C ASP A 341 -13.96 -25.68 23.40
N VAL A 342 -14.49 -24.78 22.59
CA VAL A 342 -15.02 -24.95 21.25
C VAL A 342 -14.27 -25.94 20.32
N GLU A 343 -15.02 -26.53 19.39
CA GLU A 343 -14.43 -27.38 18.35
C GLU A 343 -13.91 -26.39 17.26
N TRP A 344 -12.60 -26.29 17.09
CA TRP A 344 -11.98 -25.34 16.16
C TRP A 344 -11.67 -26.01 14.81
N LYS A 345 -12.30 -25.56 13.72
CA LYS A 345 -12.08 -26.16 12.40
C LYS A 345 -11.51 -25.12 11.44
N PHE A 346 -10.40 -25.44 10.77
CA PHE A 346 -9.74 -24.50 9.85
C PHE A 346 -10.03 -24.81 8.38
N TYR A 347 -10.16 -23.76 7.57
CA TYR A 347 -10.43 -23.81 6.13
C TYR A 347 -9.40 -22.87 5.49
N ASP A 348 -8.69 -23.38 4.49
CA ASP A 348 -7.61 -22.67 3.84
C ASP A 348 -8.07 -21.76 2.71
N ALA A 349 -7.70 -20.50 2.79
CA ALA A 349 -7.93 -19.53 1.74
C ALA A 349 -6.82 -18.50 1.86
N GLN A 350 -6.02 -18.38 0.81
CA GLN A 350 -4.96 -17.39 0.75
C GLN A 350 -5.60 -15.99 0.61
N PRO A 351 -4.89 -14.90 0.95
CA PRO A 351 -5.47 -13.56 0.77
C PRO A 351 -5.85 -13.32 -0.69
N CYS A 352 -7.11 -12.93 -0.96
CA CYS A 352 -7.50 -12.67 -2.33
C CYS A 352 -6.95 -11.29 -2.69
N SER A 353 -6.26 -11.20 -3.82
CA SER A 353 -5.67 -9.94 -4.25
C SER A 353 -6.40 -9.27 -5.42
N ASP A 354 -7.28 -10.02 -6.11
CA ASP A 354 -8.01 -9.52 -7.27
C ASP A 354 -9.45 -9.13 -6.85
N LYS A 355 -10.40 -10.05 -6.89
CA LYS A 355 -11.77 -9.79 -6.46
C LYS A 355 -12.01 -10.51 -5.14
N ALA A 356 -12.97 -10.01 -4.32
CA ALA A 356 -13.30 -10.68 -3.05
C ALA A 356 -13.85 -12.09 -3.35
N TYR A 357 -13.58 -13.06 -2.49
CA TYR A 357 -14.10 -14.41 -2.66
C TYR A 357 -15.62 -14.41 -2.64
N LYS A 358 -16.21 -15.29 -3.44
CA LYS A 358 -17.64 -15.45 -3.45
C LYS A 358 -17.92 -16.47 -2.33
N ILE A 359 -18.79 -16.14 -1.37
CA ILE A 359 -19.13 -17.04 -0.28
C ILE A 359 -19.69 -18.39 -0.80
N GLU A 360 -20.35 -18.38 -1.97
CA GLU A 360 -20.87 -19.61 -2.56
C GLU A 360 -19.73 -20.55 -2.96
N GLU A 361 -18.58 -20.01 -3.42
CA GLU A 361 -17.46 -20.88 -3.80
C GLU A 361 -16.67 -21.34 -2.57
N LEU A 362 -16.54 -20.49 -1.53
CA LEU A 362 -15.83 -20.88 -0.31
C LEU A 362 -16.59 -21.97 0.46
N PHE A 363 -17.92 -21.83 0.56
CA PHE A 363 -18.73 -22.74 1.36
C PHE A 363 -19.40 -23.86 0.62
N TYR A 364 -19.68 -23.70 -0.67
CA TYR A 364 -20.45 -24.73 -1.39
C TYR A 364 -19.66 -25.44 -2.47
N SER A 365 -20.04 -26.71 -2.67
CA SER A 365 -19.53 -27.77 -3.55
C SER A 365 -19.13 -29.01 -2.71
N TYR A 366 -19.93 -29.28 -1.66
CA TYR A 366 -19.80 -30.38 -0.69
C TYR A 366 -18.43 -30.42 0.01
N HIS A 369 -14.67 -31.23 5.78
CA HIS A 369 -15.38 -30.02 6.18
C HIS A 369 -16.46 -30.34 7.19
N SER A 370 -16.80 -29.36 8.06
CA SER A 370 -17.96 -29.55 8.95
C SER A 370 -19.24 -29.59 8.09
N ASP A 371 -19.21 -28.91 6.89
CA ASP A 371 -20.26 -28.76 5.88
C ASP A 371 -21.26 -27.73 6.38
N LYS A 372 -21.68 -27.88 7.64
CA LYS A 372 -22.62 -26.99 8.27
C LYS A 372 -21.93 -25.72 8.80
N PHE A 373 -21.65 -24.77 7.89
CA PHE A 373 -21.11 -23.47 8.28
C PHE A 373 -22.13 -22.62 9.05
N THR A 374 -23.42 -23.01 9.02
CA THR A 374 -24.54 -22.39 9.73
C THR A 374 -24.49 -22.72 11.24
N ASP A 375 -23.80 -23.80 11.62
CA ASP A 375 -23.62 -24.16 13.02
C ASP A 375 -22.50 -23.30 13.60
N GLY A 376 -22.69 -22.85 14.82
CA GLY A 376 -21.70 -22.04 15.52
C GLY A 376 -21.38 -20.72 14.84
N VAL A 377 -20.11 -20.37 14.82
CA VAL A 377 -19.69 -19.08 14.29
C VAL A 377 -18.57 -19.20 13.24
N CYS A 378 -18.51 -18.25 12.31
CA CYS A 378 -17.47 -18.23 11.28
C CYS A 378 -16.57 -17.05 11.58
N LEU A 379 -15.26 -17.28 11.57
CA LEU A 379 -14.27 -16.25 11.81
C LEU A 379 -13.58 -15.95 10.47
N PHE A 380 -13.72 -14.71 9.99
CA PHE A 380 -13.10 -14.25 8.74
C PHE A 380 -12.13 -13.11 9.10
N TRP A 381 -10.93 -13.48 9.50
CA TRP A 381 -9.93 -12.50 9.90
C TRP A 381 -9.06 -12.15 8.71
N ASN A 382 -9.38 -11.03 8.07
CA ASN A 382 -8.76 -10.57 6.84
C ASN A 382 -8.98 -11.53 5.68
N CYS A 383 -10.16 -12.19 5.63
CA CYS A 383 -10.50 -13.07 4.52
C CYS A 383 -11.64 -12.36 3.80
N ASN A 384 -11.31 -11.64 2.72
CA ASN A 384 -12.27 -10.75 2.07
C ASN A 384 -13.30 -11.49 1.24
N VAL A 385 -14.57 -11.47 1.67
CA VAL A 385 -15.62 -12.16 0.93
C VAL A 385 -16.69 -11.14 0.45
N ASP A 386 -17.43 -11.50 -0.60
CA ASP A 386 -18.48 -10.66 -1.16
C ASP A 386 -19.64 -10.37 -0.16
N ARG A 387 -19.99 -11.35 0.65
CA ARG A 387 -21.10 -11.20 1.59
C ARG A 387 -20.93 -12.19 2.71
N TYR A 388 -20.69 -11.67 3.90
CA TYR A 388 -20.47 -12.50 5.05
C TYR A 388 -21.79 -13.11 5.54
N PRO A 389 -21.73 -14.37 6.00
CA PRO A 389 -22.92 -14.97 6.61
C PRO A 389 -23.28 -14.22 7.92
N ALA A 390 -24.54 -14.33 8.35
CA ALA A 390 -24.98 -13.67 9.59
C ALA A 390 -24.21 -14.13 10.81
N ASN A 391 -23.80 -15.41 10.89
CA ASN A 391 -23.09 -15.91 12.09
C ASN A 391 -21.56 -15.69 11.97
N SER A 392 -21.12 -14.45 11.72
CA SER A 392 -19.70 -14.16 11.55
C SER A 392 -19.07 -13.15 12.52
N ILE A 393 -17.76 -13.27 12.68
CA ILE A 393 -16.82 -12.38 13.38
C ILE A 393 -15.86 -12.00 12.25
N VAL A 394 -15.78 -10.69 11.92
CA VAL A 394 -14.99 -10.27 10.76
C VAL A 394 -14.02 -9.11 11.00
N CYS A 395 -12.82 -9.23 10.45
CA CYS A 395 -11.87 -8.15 10.36
C CYS A 395 -11.64 -7.93 8.85
N ARG A 396 -11.95 -6.72 8.37
CA ARG A 396 -11.83 -6.40 6.96
C ARG A 396 -11.08 -5.07 6.82
N PHE A 397 -9.97 -5.10 6.05
CA PHE A 397 -9.17 -3.92 5.78
C PHE A 397 -9.94 -2.95 4.87
N ASP A 398 -10.04 -1.68 5.29
CA ASP A 398 -10.69 -0.64 4.52
C ASP A 398 -9.64 0.00 3.64
N THR A 399 -9.73 -0.28 2.33
CA THR A 399 -8.82 0.18 1.30
C THR A 399 -8.78 1.71 1.12
N ARG A 400 -9.82 2.43 1.63
CA ARG A 400 -9.87 3.88 1.49
C ARG A 400 -8.97 4.63 2.48
N VAL A 401 -8.45 3.95 3.51
CA VAL A 401 -7.65 4.59 4.55
C VAL A 401 -6.39 5.29 4.02
N LEU A 402 -6.09 6.49 4.57
CA LEU A 402 -4.87 7.21 4.20
C LEU A 402 -3.78 6.87 5.20
N SER A 403 -2.67 6.30 4.72
CA SER A 403 -1.50 5.98 5.54
C SER A 403 -0.26 5.74 4.68
N ASN A 404 0.93 5.79 5.30
CA ASN A 404 2.17 5.49 4.58
C ASN A 404 2.29 3.99 4.22
N LEU A 405 1.50 3.12 4.90
CA LEU A 405 1.51 1.68 4.59
C LEU A 405 0.59 1.35 3.41
N ASN A 406 -0.44 2.12 3.21
CA ASN A 406 -1.46 1.88 2.21
C ASN A 406 -1.25 2.70 0.93
N LEU A 407 -0.88 2.03 -0.14
CA LEU A 407 -0.64 2.67 -1.42
C LEU A 407 -1.86 2.53 -2.33
N PRO A 408 -2.11 3.49 -3.23
CA PRO A 408 -3.22 3.34 -4.19
C PRO A 408 -3.03 2.09 -5.07
N GLY A 409 -4.14 1.39 -5.30
CA GLY A 409 -4.10 0.14 -6.06
C GLY A 409 -4.96 0.13 -7.30
N CYS A 410 -5.34 -1.08 -7.74
N CYS A 410 -5.37 -1.07 -7.72
CA CYS A 410 -6.09 -1.33 -8.97
CA CYS A 410 -6.17 -1.29 -8.94
C CYS A 410 -7.59 -1.57 -8.75
C CYS A 410 -7.63 -1.46 -8.68
N ASP A 411 -8.44 -0.92 -9.59
CA ASP A 411 -9.89 -1.07 -9.56
C ASP A 411 -10.54 -0.82 -8.19
N GLY A 412 -10.10 0.23 -7.50
CA GLY A 412 -10.61 0.57 -6.17
C GLY A 412 -9.85 -0.07 -5.02
N GLY A 413 -9.15 -1.15 -5.31
CA GLY A 413 -8.33 -1.84 -4.32
C GLY A 413 -7.14 -0.99 -3.90
N SER A 414 -6.43 -1.44 -2.87
CA SER A 414 -5.25 -0.73 -2.38
C SER A 414 -4.13 -1.73 -2.14
N LEU A 415 -2.88 -1.26 -2.21
CA LEU A 415 -1.72 -2.10 -1.95
C LEU A 415 -1.23 -1.84 -0.55
N TYR A 416 -1.54 -2.74 0.39
CA TYR A 416 -1.16 -2.54 1.80
C TYR A 416 0.17 -3.19 2.01
N VAL A 417 1.19 -2.39 2.34
CA VAL A 417 2.55 -2.88 2.49
C VAL A 417 3.01 -2.81 3.96
N ASN A 418 3.06 -3.96 4.60
CA ASN A 418 3.43 -4.07 6.01
C ASN A 418 4.10 -5.41 6.08
N LYS A 419 5.43 -5.39 6.07
CA LYS A 419 6.35 -6.53 5.98
C LYS A 419 6.26 -7.16 4.59
N HIS A 420 5.07 -7.56 4.15
CA HIS A 420 4.82 -8.08 2.81
C HIS A 420 3.80 -7.17 2.11
N ALA A 421 3.73 -7.25 0.78
CA ALA A 421 2.78 -6.44 0.00
C ALA A 421 1.48 -7.23 -0.26
N PHE A 422 0.33 -6.65 0.06
CA PHE A 422 -0.96 -7.32 -0.13
C PHE A 422 -1.91 -6.44 -0.88
N HIS A 423 -2.18 -6.75 -2.15
CA HIS A 423 -3.19 -6.00 -2.89
C HIS A 423 -4.55 -6.47 -2.36
N THR A 424 -5.40 -5.54 -1.93
CA THR A 424 -6.68 -5.86 -1.29
C THR A 424 -7.82 -5.35 -2.13
N PRO A 425 -8.82 -6.18 -2.43
CA PRO A 425 -9.97 -5.69 -3.21
C PRO A 425 -10.71 -4.56 -2.53
N ALA A 426 -11.28 -3.65 -3.32
CA ALA A 426 -11.99 -2.49 -2.81
C ALA A 426 -12.96 -2.76 -1.67
N PHE A 427 -12.88 -1.91 -0.63
CA PHE A 427 -13.79 -1.99 0.50
C PHE A 427 -15.25 -1.79 0.00
N ASP A 428 -16.14 -2.64 0.45
CA ASP A 428 -17.53 -2.62 0.00
C ASP A 428 -18.45 -2.79 1.21
N LYS A 429 -19.20 -1.74 1.57
CA LYS A 429 -20.11 -1.76 2.72
C LYS A 429 -21.20 -2.83 2.62
N SER A 430 -21.60 -3.21 1.40
CA SER A 430 -22.64 -4.22 1.22
C SER A 430 -22.21 -5.63 1.63
N ALA A 431 -20.88 -5.88 1.78
CA ALA A 431 -20.42 -7.19 2.25
C ALA A 431 -20.91 -7.47 3.70
N PHE A 432 -21.16 -6.42 4.48
CA PHE A 432 -21.53 -6.48 5.89
C PHE A 432 -23.02 -6.35 6.21
N VAL A 433 -23.90 -6.47 5.20
CA VAL A 433 -25.35 -6.34 5.40
C VAL A 433 -25.93 -7.27 6.47
N ASN A 434 -25.38 -8.49 6.67
CA ASN A 434 -25.91 -9.40 7.70
C ASN A 434 -25.32 -9.16 9.11
N LEU A 435 -24.39 -8.23 9.24
CA LEU A 435 -23.70 -7.99 10.50
C LEU A 435 -23.88 -6.53 10.98
N LYS A 436 -23.26 -6.22 12.11
CA LYS A 436 -23.20 -4.85 12.63
C LYS A 436 -21.73 -4.54 12.98
N GLN A 437 -21.41 -3.26 13.15
CA GLN A 437 -20.07 -2.86 13.57
C GLN A 437 -19.82 -3.40 14.99
N LEU A 438 -18.63 -3.92 15.24
CA LEU A 438 -18.31 -4.42 16.57
C LEU A 438 -17.93 -3.22 17.43
N PRO A 439 -18.67 -2.98 18.53
CA PRO A 439 -18.31 -1.85 19.41
C PRO A 439 -17.02 -2.14 20.18
N PHE A 440 -16.33 -1.08 20.62
CA PHE A 440 -15.14 -1.24 21.47
C PHE A 440 -15.59 -1.77 22.85
N PHE A 441 -14.81 -2.69 23.40
CA PHE A 441 -14.96 -3.17 24.77
C PHE A 441 -13.63 -3.80 25.16
N TYR A 442 -13.40 -3.91 26.47
CA TYR A 442 -12.22 -4.62 26.98
C TYR A 442 -12.79 -5.67 27.93
N TYR A 443 -12.42 -6.94 27.78
CA TYR A 443 -12.89 -7.99 28.70
C TYR A 443 -11.68 -8.65 29.35
N SER A 444 -11.77 -8.96 30.64
CA SER A 444 -10.72 -9.69 31.33
C SER A 444 -11.25 -10.46 32.52
N ASP A 445 -10.86 -11.73 32.60
CA ASP A 445 -11.14 -12.62 33.72
C ASP A 445 -9.88 -12.84 34.60
N SER A 446 -8.77 -12.14 34.32
CA SER A 446 -7.55 -12.30 35.09
C SER A 446 -7.73 -11.74 36.51
N PRO A 447 -6.99 -12.29 37.50
CA PRO A 447 -7.14 -11.76 38.87
C PRO A 447 -6.79 -10.27 38.97
N CYS A 448 -7.45 -9.58 39.89
CA CYS A 448 -7.19 -8.17 40.14
C CYS A 448 -5.96 -8.08 41.02
N GLU A 449 -4.79 -7.88 40.44
CA GLU A 449 -3.55 -7.78 41.20
C GLU A 449 -2.51 -6.99 40.41
N SER A 450 -1.98 -5.91 41.04
CA SER A 450 -1.02 -4.99 40.45
C SER A 450 0.31 -5.62 39.95
N HIS A 451 1.15 -6.15 40.86
CA HIS A 451 2.45 -6.75 40.51
C HIS A 451 3.43 -5.77 39.86
N GLY A 452 4.67 -5.78 40.36
CA GLY A 452 5.72 -4.92 39.85
C GLY A 452 5.73 -3.55 40.48
N ILE A 459 4.87 5.68 35.18
CA ILE A 459 3.51 5.17 35.05
C ILE A 459 2.66 5.50 36.29
N ASP A 460 2.05 6.70 36.33
CA ASP A 460 1.24 7.07 37.50
C ASP A 460 -0.27 7.05 37.19
N TYR A 461 -1.10 6.98 38.25
CA TYR A 461 -2.53 6.72 38.19
C TYR A 461 -3.51 7.90 38.40
N VAL A 462 -4.66 7.77 37.72
CA VAL A 462 -5.92 8.51 37.76
C VAL A 462 -6.95 7.36 37.62
N PRO A 463 -7.85 7.19 38.60
CA PRO A 463 -8.78 6.05 38.54
C PRO A 463 -9.66 5.97 37.29
N LEU A 464 -9.77 4.77 36.71
CA LEU A 464 -10.55 4.58 35.49
C LEU A 464 -12.02 4.39 35.80
N LYS A 465 -12.88 5.09 35.06
CA LYS A 465 -14.32 4.90 35.12
C LYS A 465 -14.75 4.65 33.68
N SER A 466 -15.31 3.47 33.39
CA SER A 466 -15.74 3.15 32.02
C SER A 466 -16.77 2.03 32.02
N ALA A 467 -17.86 2.23 31.28
CA ALA A 467 -18.88 1.20 31.11
C ALA A 467 -18.34 0.02 30.24
N THR A 468 -17.24 0.21 29.48
CA THR A 468 -16.73 -0.83 28.59
C THR A 468 -15.53 -1.62 29.15
N CYS A 469 -15.21 -1.46 30.43
CA CYS A 469 -14.15 -2.24 31.05
C CYS A 469 -14.88 -3.41 31.71
N ILE A 470 -15.01 -4.52 31.02
CA ILE A 470 -15.77 -5.67 31.50
C ILE A 470 -14.87 -6.57 32.37
N THR A 471 -14.84 -6.24 33.66
CA THR A 471 -14.02 -6.94 34.64
C THR A 471 -14.79 -7.15 35.96
N ARG A 472 -14.31 -8.08 36.81
CA ARG A 472 -14.88 -8.38 38.13
C ARG A 472 -14.87 -7.13 39.00
N CYS A 473 -13.78 -6.34 38.95
CA CYS A 473 -13.62 -5.11 39.72
C CYS A 473 -14.62 -4.05 39.30
N ASN A 474 -14.90 -3.94 38.01
CA ASN A 474 -15.88 -2.96 37.50
C ASN A 474 -17.31 -3.43 37.82
N LEU A 475 -17.56 -4.76 37.79
CA LEU A 475 -18.84 -5.31 38.20
C LEU A 475 -19.08 -4.96 39.71
N GLY A 476 -18.01 -5.11 40.51
CA GLY A 476 -17.98 -4.81 41.93
C GLY A 476 -17.99 -3.33 42.26
N GLY A 477 -17.97 -2.44 41.27
CA GLY A 477 -18.09 -1.02 41.52
C GLY A 477 -16.86 -0.13 41.39
N ALA A 478 -15.65 -0.69 41.36
CA ALA A 478 -14.42 0.13 41.27
C ALA A 478 -13.27 -0.58 40.54
N VAL A 479 -12.89 -0.10 39.34
CA VAL A 479 -11.80 -0.71 38.56
C VAL A 479 -10.44 -0.70 39.28
N CYS A 480 -9.81 -1.86 39.40
CA CYS A 480 -8.52 -1.98 40.06
C CYS A 480 -7.39 -1.40 39.16
N ARG A 481 -6.21 -1.12 39.74
CA ARG A 481 -5.10 -0.54 38.99
C ARG A 481 -4.63 -1.44 37.82
N HIS A 482 -4.50 -2.74 38.03
CA HIS A 482 -4.08 -3.66 36.97
C HIS A 482 -5.05 -3.63 35.76
N HIS A 483 -6.36 -3.77 36.01
CA HIS A 483 -7.32 -3.77 34.91
C HIS A 483 -7.45 -2.39 34.26
N ALA A 484 -7.17 -1.30 35.00
CA ALA A 484 -7.19 0.04 34.42
C ALA A 484 -5.99 0.21 33.47
N ASN A 485 -4.81 -0.29 33.86
CA ASN A 485 -3.59 -0.21 33.04
C ASN A 485 -3.78 -1.03 31.79
N GLU A 486 -4.31 -2.27 31.94
CA GLU A 486 -4.56 -3.18 30.83
C GLU A 486 -5.64 -2.66 29.89
N TYR A 487 -6.65 -1.96 30.45
CA TYR A 487 -7.72 -1.38 29.63
C TYR A 487 -7.12 -0.27 28.77
N ARG A 488 -6.30 0.60 29.36
CA ARG A 488 -5.69 1.71 28.60
C ARG A 488 -4.73 1.22 27.53
N LEU A 489 -3.99 0.15 27.81
CA LEU A 489 -3.09 -0.43 26.83
C LEU A 489 -3.88 -1.04 25.68
N TYR A 490 -4.99 -1.73 26.00
CA TYR A 490 -5.85 -2.35 25.02
C TYR A 490 -6.53 -1.30 24.17
N LEU A 491 -7.02 -0.22 24.78
CA LEU A 491 -7.66 0.87 24.04
C LEU A 491 -6.65 1.49 23.04
N ASP A 492 -5.39 1.64 23.44
CA ASP A 492 -4.34 2.15 22.55
C ASP A 492 -4.10 1.21 21.37
N ALA A 493 -4.00 -0.12 21.63
CA ALA A 493 -3.78 -1.11 20.58
C ALA A 493 -5.00 -1.13 19.63
N TYR A 494 -6.21 -1.07 20.19
CA TYR A 494 -7.44 -1.02 19.43
C TYR A 494 -7.45 0.19 18.47
N ASN A 495 -7.17 1.41 19.01
CA ASN A 495 -7.16 2.65 18.21
C ASN A 495 -6.07 2.60 17.12
N MET A 496 -4.95 1.95 17.41
CA MET A 496 -3.85 1.80 16.46
C MET A 496 -4.33 0.95 15.25
N MET A 497 -4.98 -0.19 15.52
CA MET A 497 -5.51 -1.07 14.48
C MET A 497 -6.60 -0.40 13.60
N ILE A 498 -7.55 0.32 14.23
CA ILE A 498 -8.62 1.03 13.52
C ILE A 498 -8.03 2.12 12.61
N SER A 499 -7.13 2.95 13.16
CA SER A 499 -6.51 4.03 12.41
C SER A 499 -5.64 3.49 11.26
N ALA A 500 -5.08 2.28 11.39
CA ALA A 500 -4.35 1.64 10.31
C ALA A 500 -5.29 1.24 9.12
N GLY A 501 -6.61 1.20 9.34
CA GLY A 501 -7.58 0.87 8.31
C GLY A 501 -8.43 -0.36 8.55
N PHE A 502 -8.16 -1.13 9.59
CA PHE A 502 -8.94 -2.32 9.88
C PHE A 502 -10.33 -1.96 10.44
N SER A 503 -11.34 -2.70 10.00
CA SER A 503 -12.72 -2.53 10.45
C SER A 503 -13.22 -3.88 11.00
N LEU A 504 -13.99 -3.84 12.08
CA LEU A 504 -14.47 -5.02 12.78
C LEU A 504 -15.98 -5.12 12.74
N TRP A 505 -16.47 -6.31 12.43
CA TRP A 505 -17.90 -6.57 12.27
C TRP A 505 -18.27 -7.86 12.98
N VAL A 506 -19.50 -7.93 13.52
CA VAL A 506 -19.95 -9.07 14.29
C VAL A 506 -21.43 -9.42 14.06
N TYR A 507 -21.81 -10.68 14.37
CA TYR A 507 -23.19 -11.15 14.30
C TYR A 507 -24.09 -10.23 15.16
N LYS A 508 -25.28 -9.90 14.65
CA LYS A 508 -26.19 -8.94 15.31
C LYS A 508 -26.56 -9.25 16.76
N GLN A 509 -26.56 -10.52 17.17
CA GLN A 509 -26.89 -10.89 18.54
C GLN A 509 -25.78 -10.60 19.55
N PHE A 510 -24.54 -10.26 19.10
CA PHE A 510 -23.43 -9.99 20.02
C PHE A 510 -23.77 -8.89 21.02
N ASP A 511 -23.62 -9.20 22.30
CA ASP A 511 -23.95 -8.25 23.36
C ASP A 511 -23.01 -8.45 24.50
N THR A 512 -22.22 -7.42 24.81
CA THR A 512 -21.28 -7.49 25.93
C THR A 512 -21.98 -7.61 27.29
N TYR A 513 -23.30 -7.33 27.36
CA TYR A 513 -24.07 -7.53 28.59
C TYR A 513 -24.01 -9.01 29.01
N ASN A 514 -23.88 -9.94 28.02
CA ASN A 514 -23.74 -11.38 28.28
C ASN A 514 -22.39 -11.75 28.91
N LEU A 515 -21.40 -10.85 28.93
CA LEU A 515 -20.10 -11.12 29.54
C LEU A 515 -20.06 -10.95 31.08
N TRP A 516 -20.92 -10.11 31.64
CA TRP A 516 -20.92 -9.86 33.08
C TRP A 516 -21.14 -11.11 33.93
N ASN A 517 -21.97 -12.06 33.46
CA ASN A 517 -22.22 -13.30 34.22
C ASN A 517 -21.13 -14.37 34.03
N THR A 518 -20.06 -14.06 33.29
CA THR A 518 -18.94 -15.01 33.15
C THR A 518 -17.94 -14.92 34.33
N PHE A 519 -18.26 -14.13 35.38
CA PHE A 519 -17.57 -13.97 36.66
C PHE A 519 -18.66 -14.26 37.69
N THR A 520 -18.57 -15.37 38.45
CA THR A 520 -19.57 -15.70 39.47
C THR A 520 -18.94 -16.43 40.66
ZN ZN B . -6.67 1.87 -12.79
ZN ZN C . -9.53 -5.78 38.42
ZN ZN D . 18.78 14.00 4.71
P PO4 E . 12.58 1.36 -0.33
O1 PO4 E . 13.03 2.61 0.49
O2 PO4 E . 11.46 0.54 0.46
O3 PO4 E . 13.85 0.41 -0.49
O4 PO4 E . 11.93 1.78 -1.74
P PO4 F . -5.30 -9.24 30.89
O1 PO4 F . -4.81 -9.02 32.38
O2 PO4 F . -6.69 -10.02 30.88
O3 PO4 F . -5.48 -7.83 30.14
O4 PO4 F . -4.21 -10.10 30.12
N1 LK6 G . 23.85 17.60 -15.57
C4 LK6 G . 22.93 15.57 -17.55
C5 LK6 G . 25.37 15.91 -16.55
C6 LK6 G . 23.26 18.79 -15.35
C7 LK6 G . 23.48 19.35 -14.01
C8 LK6 G . 22.26 19.63 -13.16
C1 LK6 G . 25.54 18.33 -17.14
C2 LK6 G . 24.57 17.21 -16.79
C3 LK6 G . 23.66 16.82 -17.96
S1 LK6 G . 24.12 14.64 -16.62
O1 LK6 G . 24.62 13.52 -17.37
O2 LK6 G . 23.62 14.37 -15.30
O3 LK6 G . 22.61 19.38 -16.21
C9 LK6 G . 23.00 20.75 -13.75
#